data_3NNG
#
_entry.id   3NNG
#
_cell.length_a   57.208
_cell.length_b   62.463
_cell.length_c   72.001
_cell.angle_alpha   90.000
_cell.angle_beta   90.000
_cell.angle_gamma   90.000
#
_symmetry.space_group_name_H-M   'P 21 21 21'
#
loop_
_entity.id
_entity.type
_entity.pdbx_description
1 polymer 'uncharacterized protein'
2 non-polymer 'CALCIUM ION'
3 water water
#
_entity_poly.entity_id   1
_entity_poly.type   'polypeptide(L)'
_entity_poly.pdbx_seq_one_letter_code
;MSVLYTSYTKPGNWSAVDRSAWSVSCSNVYADDDAKYGAHLAIDGEINTTWFTWGVANAGECWWNTVLDRPVTLTGFSVT
KQSAYGSGYNLRSAEIKVRKEGETEWVTYPRVLTFRNFKGADPQYAAIEPPIPNVKEFRINCLTPDNYTGFAEINLYEKQ
LEHHHHHH
;
_entity_poly.pdbx_strand_id   A,B
#
# COMPACT_ATOMS: atom_id res chain seq x y z
N THR A 9 -24.39 -14.94 -8.84
CA THR A 9 -24.95 -13.86 -8.05
C THR A 9 -24.34 -12.53 -8.45
N LYS A 10 -23.64 -12.54 -9.58
CA LYS A 10 -22.97 -11.35 -10.09
C LYS A 10 -23.86 -10.56 -11.03
N PRO A 11 -24.06 -9.27 -10.72
CA PRO A 11 -24.79 -8.35 -11.62
C PRO A 11 -24.33 -8.54 -13.06
N GLY A 12 -25.28 -8.54 -14.00
CA GLY A 12 -24.99 -8.93 -15.37
C GLY A 12 -23.90 -8.14 -16.07
N ASN A 13 -23.91 -6.82 -15.85
CA ASN A 13 -23.03 -5.92 -16.56
C ASN A 13 -21.68 -5.60 -15.90
N TRP A 14 -21.33 -6.36 -14.84
CA TRP A 14 -20.05 -6.22 -14.15
C TRP A 14 -18.91 -6.94 -14.90
N SER A 15 -17.78 -6.25 -15.06
CA SER A 15 -16.61 -6.87 -15.66
C SER A 15 -15.43 -6.88 -14.67
N ALA A 16 -14.90 -8.07 -14.36
CA ALA A 16 -13.75 -8.18 -13.48
C ALA A 16 -12.55 -7.42 -14.06
N VAL A 17 -11.87 -6.62 -13.23
CA VAL A 17 -10.71 -5.87 -13.66
C VAL A 17 -9.46 -6.76 -13.66
N ASP A 18 -8.71 -6.77 -14.76
CA ASP A 18 -7.46 -7.54 -14.85
C ASP A 18 -6.50 -7.10 -13.75
N ARG A 19 -5.90 -8.08 -13.06
CA ARG A 19 -5.18 -7.81 -11.80
C ARG A 19 -3.65 -7.95 -11.93
N SER A 20 -3.18 -8.44 -13.07
CA SER A 20 -1.79 -8.84 -13.22
C SER A 20 -0.76 -7.72 -13.01
N ALA A 21 -1.19 -6.47 -13.08
CA ALA A 21 -0.26 -5.36 -12.87
C ALA A 21 -0.57 -4.61 -11.57
N TRP A 22 -1.53 -5.13 -10.82
CA TRP A 22 -1.79 -4.62 -9.47
C TRP A 22 -0.58 -4.76 -8.56
N SER A 23 -0.47 -3.84 -7.61
CA SER A 23 0.57 -3.88 -6.58
C SER A 23 -0.15 -3.98 -5.23
N VAL A 24 -0.06 -5.13 -4.60
CA VAL A 24 -0.91 -5.42 -3.45
C VAL A 24 -0.13 -5.51 -2.15
N SER A 25 -0.79 -5.20 -1.03
CA SER A 25 -0.17 -5.33 0.29
C SER A 25 -1.26 -5.58 1.33
N CYS A 26 -0.86 -5.91 2.55
CA CYS A 26 -1.81 -6.18 3.64
C CYS A 26 -1.22 -5.81 4.98
N SER A 27 -2.06 -5.85 6.00
CA SER A 27 -1.68 -5.49 7.35
C SER A 27 -0.60 -6.42 7.90
N ASN A 28 -0.79 -7.71 7.72
CA ASN A 28 0.09 -8.74 8.27
C ASN A 28 -0.06 -9.98 7.42
N VAL A 29 0.95 -10.84 7.41
CA VAL A 29 0.83 -12.13 6.75
C VAL A 29 0.85 -13.19 7.83
N TYR A 30 -0.14 -14.08 7.84
CA TYR A 30 -0.20 -15.09 8.89
C TYR A 30 1.12 -15.86 8.98
N ALA A 31 1.62 -16.08 10.18
CA ALA A 31 2.83 -16.89 10.39
C ALA A 31 4.02 -16.27 9.67
N ASP A 32 3.91 -14.99 9.32
CA ASP A 32 4.98 -14.32 8.58
C ASP A 32 5.40 -15.17 7.38
N ASP A 33 4.44 -15.88 6.80
CA ASP A 33 4.74 -16.79 5.70
C ASP A 33 4.17 -16.23 4.41
N ASP A 34 4.96 -15.35 3.77
CA ASP A 34 4.50 -14.58 2.60
C ASP A 34 4.13 -15.47 1.41
N ALA A 35 4.95 -16.49 1.15
CA ALA A 35 4.72 -17.43 0.07
C ALA A 35 3.42 -18.22 0.25
N LYS A 36 3.03 -18.45 1.51
CA LYS A 36 1.88 -19.30 1.78
C LYS A 36 0.57 -18.52 2.04
N TYR A 37 0.69 -17.32 2.59
CA TYR A 37 -0.50 -16.57 3.01
C TYR A 37 -0.44 -15.10 2.62
N GLY A 38 0.46 -14.75 1.70
CA GLY A 38 0.67 -13.37 1.31
C GLY A 38 -0.45 -12.70 0.51
N ALA A 39 -0.42 -11.37 0.46
CA ALA A 39 -1.49 -10.59 -0.15
C ALA A 39 -1.76 -10.97 -1.60
N HIS A 40 -0.69 -11.30 -2.34
CA HIS A 40 -0.77 -11.55 -3.77
C HIS A 40 -1.55 -12.83 -4.05
N LEU A 41 -1.61 -13.72 -3.05
CA LEU A 41 -2.38 -14.95 -3.22
C LEU A 41 -3.87 -14.69 -3.32
N ALA A 42 -4.34 -13.51 -2.89
CA ALA A 42 -5.76 -13.17 -3.06
C ALA A 42 -6.14 -12.80 -4.51
N ILE A 43 -5.15 -12.57 -5.37
CA ILE A 43 -5.44 -12.15 -6.74
C ILE A 43 -4.78 -13.02 -7.81
N ASP A 44 -4.56 -14.29 -7.51
CA ASP A 44 -3.83 -15.16 -8.46
C ASP A 44 -4.75 -16.09 -9.26
N GLY A 45 -6.06 -15.99 -9.04
CA GLY A 45 -7.03 -16.77 -9.78
C GLY A 45 -7.32 -18.14 -9.24
N GLU A 46 -6.71 -18.49 -8.10
CA GLU A 46 -6.79 -19.85 -7.57
C GLU A 46 -7.53 -19.91 -6.22
N ILE A 47 -8.56 -20.74 -6.11
CA ILE A 47 -9.34 -20.79 -4.87
C ILE A 47 -8.54 -21.38 -3.71
N ASN A 48 -7.56 -22.22 -4.04
CA ASN A 48 -6.84 -22.96 -3.01
C ASN A 48 -5.62 -22.26 -2.46
N THR A 49 -5.35 -21.05 -2.93
CA THR A 49 -4.32 -20.22 -2.31
C THR A 49 -5.03 -19.01 -1.72
N THR A 50 -4.60 -18.57 -0.55
CA THR A 50 -5.36 -17.52 0.09
C THR A 50 -4.48 -16.55 0.85
N TRP A 51 -4.94 -15.30 0.91
CA TRP A 51 -4.44 -14.34 1.88
C TRP A 51 -5.06 -14.70 3.24
N PHE A 52 -4.27 -14.68 4.29
CA PHE A 52 -4.79 -15.01 5.60
C PHE A 52 -4.00 -14.23 6.62
N THR A 53 -4.65 -13.75 7.66
CA THR A 53 -3.99 -12.88 8.61
C THR A 53 -4.65 -12.87 9.98
N TRP A 54 -4.05 -12.12 10.90
CA TRP A 54 -4.65 -11.82 12.19
C TRP A 54 -5.79 -10.83 12.01
N GLY A 55 -6.87 -11.04 12.76
CA GLY A 55 -8.01 -10.12 12.78
C GLY A 55 -7.70 -8.88 13.59
N VAL A 56 -8.61 -7.91 13.64
CA VAL A 56 -8.36 -6.66 14.35
C VAL A 56 -8.15 -6.83 15.84
N ALA A 57 -8.74 -7.87 16.43
CA ALA A 57 -8.73 -8.01 17.89
C ALA A 57 -7.34 -8.36 18.39
N ASN A 58 -6.64 -9.18 17.61
CA ASN A 58 -5.29 -9.59 17.94
C ASN A 58 -4.30 -8.51 17.56
N ALA A 59 -4.16 -8.30 16.25
CA ALA A 59 -3.10 -7.46 15.71
C ALA A 59 -3.41 -5.97 15.71
N GLY A 60 -4.62 -5.60 16.11
CA GLY A 60 -5.00 -4.19 16.13
C GLY A 60 -5.55 -3.69 14.82
N GLU A 61 -5.12 -4.28 13.71
CA GLU A 61 -5.69 -3.90 12.42
C GLU A 61 -5.71 -5.10 11.49
N CYS A 62 -6.51 -5.00 10.44
CA CYS A 62 -6.68 -6.13 9.52
C CYS A 62 -7.17 -5.61 8.18
N TRP A 63 -6.32 -5.65 7.17
CA TRP A 63 -6.67 -5.04 5.89
C TRP A 63 -5.87 -5.57 4.70
N TRP A 64 -6.44 -5.40 3.50
CA TRP A 64 -5.81 -5.80 2.26
C TRP A 64 -5.96 -4.63 1.29
N ASN A 65 -4.91 -4.36 0.52
CA ASN A 65 -4.83 -3.12 -0.26
C ASN A 65 -4.28 -3.41 -1.63
N THR A 66 -4.79 -2.72 -2.64
CA THR A 66 -4.23 -2.80 -3.99
C THR A 66 -4.06 -1.42 -4.62
N VAL A 67 -2.87 -1.19 -5.19
CA VAL A 67 -2.66 -0.06 -6.08
C VAL A 67 -2.96 -0.56 -7.49
N LEU A 68 -3.99 -0.02 -8.11
CA LEU A 68 -4.35 -0.40 -9.47
C LEU A 68 -3.39 0.27 -10.44
N ASP A 69 -2.97 -0.42 -11.49
CA ASP A 69 -2.14 0.25 -12.50
C ASP A 69 -3.01 1.11 -13.41
N ARG A 70 -4.23 0.64 -13.70
CA ARG A 70 -5.20 1.43 -14.47
C ARG A 70 -6.40 1.71 -13.58
N PRO A 71 -6.59 2.99 -13.21
CA PRO A 71 -7.75 3.35 -12.38
C PRO A 71 -9.08 2.99 -13.05
N VAL A 72 -10.06 2.63 -12.23
CA VAL A 72 -11.34 2.23 -12.79
C VAL A 72 -12.50 2.95 -12.12
N THR A 73 -13.61 3.02 -12.84
CA THR A 73 -14.85 3.45 -12.25
C THR A 73 -15.42 2.22 -11.53
N LEU A 74 -15.23 2.17 -10.22
CA LEU A 74 -15.49 0.95 -9.43
C LEU A 74 -16.97 0.73 -9.18
N THR A 75 -17.51 -0.39 -9.68
CA THR A 75 -18.93 -0.70 -9.50
C THR A 75 -19.19 -1.67 -8.33
N GLY A 76 -18.14 -2.34 -7.87
CA GLY A 76 -18.31 -3.23 -6.73
C GLY A 76 -17.09 -4.11 -6.60
N PHE A 77 -17.13 -5.04 -5.66
CA PHE A 77 -16.06 -6.02 -5.55
C PHE A 77 -16.65 -7.35 -5.10
N SER A 78 -15.81 -8.37 -5.07
CA SER A 78 -16.25 -9.69 -4.64
C SER A 78 -15.12 -10.39 -3.92
N VAL A 79 -15.50 -11.20 -2.94
CA VAL A 79 -14.56 -12.00 -2.17
C VAL A 79 -15.09 -13.43 -2.08
N THR A 80 -14.17 -14.38 -1.86
CA THR A 80 -14.53 -15.78 -1.65
C THR A 80 -14.23 -16.18 -0.22
N LYS A 81 -14.49 -17.44 0.13
CA LYS A 81 -13.92 -18.00 1.35
C LYS A 81 -12.41 -17.80 1.36
N GLN A 82 -11.78 -17.86 2.53
CA GLN A 82 -10.35 -18.14 2.60
C GLN A 82 -10.23 -19.66 2.68
N SER A 83 -9.10 -20.19 2.23
CA SER A 83 -8.94 -21.64 2.17
C SER A 83 -7.77 -22.14 2.99
N ALA A 84 -7.41 -21.39 4.04
CA ALA A 84 -6.28 -21.77 4.90
C ALA A 84 -6.77 -22.61 6.06
N TYR A 85 -7.89 -22.21 6.63
CA TYR A 85 -8.45 -22.87 7.80
C TYR A 85 -9.97 -22.92 7.75
N GLY A 86 -10.60 -23.39 8.83
CA GLY A 86 -12.03 -23.58 8.86
C GLY A 86 -12.85 -22.36 8.49
N SER A 87 -14.08 -22.62 8.06
CA SER A 87 -14.97 -21.61 7.50
C SER A 87 -15.38 -20.55 8.52
N GLY A 88 -15.18 -20.87 9.79
CA GLY A 88 -15.40 -19.89 10.84
C GLY A 88 -14.48 -18.68 10.73
N TYR A 89 -13.46 -18.77 9.88
CA TYR A 89 -12.59 -17.62 9.63
C TYR A 89 -12.84 -16.88 8.32
N ASN A 90 -13.83 -17.33 7.55
CA ASN A 90 -14.22 -16.57 6.35
C ASN A 90 -14.68 -15.17 6.76
N LEU A 91 -14.50 -14.21 5.86
CA LEU A 91 -14.84 -12.80 6.10
C LEU A 91 -16.34 -12.64 6.34
N ARG A 92 -16.69 -11.88 7.38
CA ARG A 92 -18.07 -11.68 7.78
C ARG A 92 -18.52 -10.24 7.50
N SER A 93 -17.69 -9.27 7.88
CA SER A 93 -18.00 -7.86 7.61
C SER A 93 -16.76 -7.03 7.33
N ALA A 94 -16.90 -6.02 6.48
CA ALA A 94 -15.75 -5.21 6.09
C ALA A 94 -16.18 -3.80 5.79
N GLU A 95 -15.19 -2.91 5.80
CA GLU A 95 -15.36 -1.54 5.39
C GLU A 95 -14.35 -1.26 4.27
N ILE A 96 -14.75 -0.41 3.32
CA ILE A 96 -13.94 -0.11 2.14
C ILE A 96 -13.48 1.34 2.13
N LYS A 97 -12.21 1.57 1.78
CA LYS A 97 -11.72 2.90 1.46
C LYS A 97 -11.07 2.87 0.08
N VAL A 98 -11.26 3.95 -0.69
CA VAL A 98 -10.58 4.10 -1.97
C VAL A 98 -9.88 5.44 -2.04
N ARG A 99 -8.89 5.53 -2.92
CA ARG A 99 -8.22 6.79 -3.21
C ARG A 99 -8.32 7.00 -4.73
N LYS A 100 -8.81 8.16 -5.14
CA LYS A 100 -8.94 8.44 -6.55
C LYS A 100 -7.60 8.91 -7.10
N GLU A 101 -7.37 8.64 -8.39
CA GLU A 101 -6.13 9.03 -9.05
C GLU A 101 -5.87 10.51 -8.89
N GLY A 102 -4.61 10.86 -8.59
CA GLY A 102 -4.25 12.24 -8.40
C GLY A 102 -4.58 12.80 -7.02
N GLU A 103 -5.29 12.03 -6.21
CA GLU A 103 -5.65 12.51 -4.87
C GLU A 103 -4.76 11.90 -3.80
N THR A 104 -4.54 12.63 -2.72
CA THR A 104 -3.72 12.14 -1.61
C THR A 104 -4.60 11.82 -0.42
N GLU A 105 -5.83 12.27 -0.48
CA GLU A 105 -6.79 11.98 0.57
C GLU A 105 -7.63 10.77 0.18
N TRP A 106 -7.98 9.94 1.16
CA TRP A 106 -8.78 8.76 0.93
C TRP A 106 -10.25 9.08 1.19
N VAL A 107 -11.12 8.34 0.51
CA VAL A 107 -12.55 8.44 0.74
C VAL A 107 -13.07 7.12 1.26
N THR A 108 -13.86 7.18 2.33
CA THR A 108 -14.43 5.97 2.93
C THR A 108 -15.83 5.72 2.36
N TYR A 109 -16.11 4.48 1.98
CA TYR A 109 -17.44 4.12 1.55
C TYR A 109 -18.26 3.93 2.83
N PRO A 110 -19.38 4.67 2.97
CA PRO A 110 -20.04 4.84 4.27
C PRO A 110 -20.93 3.69 4.71
N ARG A 111 -20.81 2.52 4.08
CA ARG A 111 -21.63 1.36 4.47
C ARG A 111 -20.76 0.17 4.85
N VAL A 112 -21.03 -0.45 6.00
CA VAL A 112 -20.41 -1.73 6.31
C VAL A 112 -20.94 -2.79 5.32
N LEU A 113 -20.03 -3.52 4.67
CA LEU A 113 -20.46 -4.64 3.84
C LEU A 113 -20.46 -5.92 4.69
N THR A 114 -21.55 -6.69 4.57
CA THR A 114 -21.74 -7.92 5.33
C THR A 114 -21.87 -9.10 4.37
N PHE A 115 -21.28 -10.23 4.73
CA PHE A 115 -21.31 -11.41 3.87
C PHE A 115 -21.98 -12.56 4.59
N ARG A 116 -22.67 -13.42 3.84
CA ARG A 116 -23.26 -14.63 4.41
C ARG A 116 -22.25 -15.77 4.33
N ASN A 117 -22.65 -16.94 4.81
CA ASN A 117 -21.83 -18.13 4.65
C ASN A 117 -21.54 -18.39 3.18
N PHE A 118 -20.26 -18.58 2.87
CA PHE A 118 -19.85 -18.84 1.50
C PHE A 118 -20.28 -20.24 1.07
N LYS A 119 -20.53 -20.41 -0.22
CA LYS A 119 -20.82 -21.72 -0.78
C LYS A 119 -19.69 -22.20 -1.68
N GLY A 120 -19.00 -23.23 -1.24
CA GLY A 120 -17.83 -23.73 -1.96
C GLY A 120 -16.91 -22.59 -2.37
N ALA A 121 -16.61 -22.53 -3.67
CA ALA A 121 -15.70 -21.53 -4.23
C ALA A 121 -16.43 -20.28 -4.75
N ASP A 122 -17.73 -20.21 -4.53
CA ASP A 122 -18.54 -19.12 -5.09
C ASP A 122 -18.24 -17.80 -4.38
N PRO A 123 -18.00 -16.72 -5.15
CA PRO A 123 -17.81 -15.39 -4.53
C PRO A 123 -19.14 -14.77 -4.15
N GLN A 124 -19.09 -13.80 -3.25
CA GLN A 124 -20.23 -12.94 -2.97
C GLN A 124 -19.84 -11.55 -3.43
N TYR A 125 -20.83 -10.81 -3.92
CA TYR A 125 -20.60 -9.55 -4.59
C TYR A 125 -21.11 -8.40 -3.75
N ALA A 126 -20.31 -7.35 -3.62
CA ALA A 126 -20.74 -6.18 -2.87
C ALA A 126 -20.72 -4.99 -3.80
N ALA A 127 -21.89 -4.42 -4.05
CA ALA A 127 -22.05 -3.29 -4.95
C ALA A 127 -21.49 -1.99 -4.37
N ILE A 128 -20.86 -1.20 -5.23
CA ILE A 128 -20.45 0.15 -4.88
C ILE A 128 -21.32 1.13 -5.65
N GLU A 129 -22.13 1.89 -4.93
CA GLU A 129 -23.17 2.68 -5.56
C GLU A 129 -23.21 4.14 -5.11
N PRO A 130 -23.20 5.07 -6.07
CA PRO A 130 -23.00 4.82 -7.51
C PRO A 130 -21.56 4.39 -7.68
N PRO A 131 -21.19 3.89 -8.88
CA PRO A 131 -19.79 3.51 -9.07
C PRO A 131 -18.86 4.69 -8.77
N ILE A 132 -17.67 4.41 -8.24
CA ILE A 132 -16.70 5.47 -7.96
C ILE A 132 -15.67 5.60 -9.05
N PRO A 133 -15.70 6.72 -9.78
CA PRO A 133 -14.78 6.97 -10.90
C PRO A 133 -13.33 7.17 -10.47
N ASN A 134 -12.39 6.75 -11.31
CA ASN A 134 -10.94 6.97 -11.12
C ASN A 134 -10.33 6.40 -9.85
N VAL A 135 -10.79 5.24 -9.40
CA VAL A 135 -10.17 4.61 -8.23
C VAL A 135 -8.77 4.15 -8.59
N LYS A 136 -7.77 4.68 -7.91
CA LYS A 136 -6.37 4.29 -8.16
C LYS A 136 -5.87 3.31 -7.10
N GLU A 137 -6.41 3.44 -5.88
CA GLU A 137 -6.05 2.54 -4.78
C GLU A 137 -7.31 2.09 -4.01
N PHE A 138 -7.34 0.83 -3.60
CA PHE A 138 -8.51 0.24 -2.94
C PHE A 138 -8.02 -0.49 -1.70
N ARG A 139 -8.66 -0.20 -0.56
CA ARG A 139 -8.37 -0.93 0.68
C ARG A 139 -9.64 -1.54 1.27
N ILE A 140 -9.54 -2.78 1.73
CA ILE A 140 -10.62 -3.37 2.50
C ILE A 140 -10.20 -3.64 3.95
N ASN A 141 -10.81 -2.91 4.88
CA ASN A 141 -10.58 -3.12 6.31
C ASN A 141 -11.55 -4.16 6.84
N CYS A 142 -11.03 -5.34 7.19
CA CYS A 142 -11.84 -6.46 7.62
C CYS A 142 -12.20 -6.30 9.08
N LEU A 143 -13.49 -6.24 9.36
CA LEU A 143 -14.01 -6.01 10.71
C LEU A 143 -14.23 -7.31 11.49
N THR A 144 -15.00 -8.23 10.92
CA THR A 144 -15.16 -9.52 11.56
C THR A 144 -15.00 -10.64 10.52
N PRO A 145 -14.56 -11.83 10.95
CA PRO A 145 -14.22 -12.10 12.36
C PRO A 145 -12.99 -11.30 12.80
N ASP A 146 -12.86 -11.05 14.10
CA ASP A 146 -11.75 -10.22 14.60
C ASP A 146 -10.56 -11.00 15.15
N ASN A 147 -10.62 -12.33 15.08
CA ASN A 147 -9.49 -13.11 15.52
C ASN A 147 -8.54 -13.46 14.37
N TYR A 148 -9.08 -14.09 13.33
CA TYR A 148 -8.32 -14.41 12.13
C TYR A 148 -9.28 -14.36 10.95
N THR A 149 -8.81 -13.92 9.80
CA THR A 149 -9.62 -13.98 8.59
C THR A 149 -8.75 -13.80 7.34
N GLY A 150 -9.39 -13.77 6.18
CA GLY A 150 -8.69 -13.57 4.92
C GLY A 150 -9.63 -13.91 3.78
N PHE A 151 -9.09 -14.11 2.59
CA PHE A 151 -9.89 -14.53 1.45
C PHE A 151 -9.01 -15.04 0.32
N ALA A 152 -9.54 -15.98 -0.46
CA ALA A 152 -8.72 -16.68 -1.44
C ALA A 152 -8.70 -15.92 -2.74
N GLU A 153 -9.77 -15.22 -3.03
CA GLU A 153 -9.86 -14.46 -4.27
C GLU A 153 -10.69 -13.22 -4.04
N ILE A 154 -10.11 -12.07 -4.37
CA ILE A 154 -10.86 -10.82 -4.43
C ILE A 154 -10.78 -10.25 -5.84
N ASN A 155 -11.88 -9.65 -6.28
CA ASN A 155 -11.95 -9.00 -7.58
C ASN A 155 -12.59 -7.63 -7.45
N LEU A 156 -12.23 -6.73 -8.36
CA LEU A 156 -12.92 -5.45 -8.45
C LEU A 156 -13.59 -5.43 -9.81
N TYR A 157 -14.74 -4.74 -9.90
CA TYR A 157 -15.53 -4.74 -11.14
C TYR A 157 -15.79 -3.34 -11.68
N GLU A 158 -15.93 -3.27 -13.00
CA GLU A 158 -16.28 -2.04 -13.68
C GLU A 158 -17.36 -2.39 -14.70
N LYS A 159 -18.12 -1.39 -15.16
CA LYS A 159 -19.17 -1.61 -16.14
C LYS A 159 -18.60 -1.86 -17.52
N GLN A 160 -19.05 -2.96 -18.13
CA GLN A 160 -18.69 -3.27 -19.50
C GLN A 160 -19.38 -2.32 -20.44
N LEU A 161 -18.82 -2.16 -21.62
CA LEU A 161 -19.43 -1.34 -22.64
C LEU A 161 -20.85 -1.86 -22.95
N PRO B 11 22.03 11.59 12.45
CA PRO B 11 22.36 11.98 13.83
C PRO B 11 22.89 10.81 14.65
N GLY B 12 22.49 10.75 15.92
CA GLY B 12 23.06 9.78 16.85
C GLY B 12 22.05 9.00 17.66
N ASN B 13 21.00 9.68 18.12
CA ASN B 13 19.90 8.99 18.81
C ASN B 13 18.82 8.56 17.82
N TRP B 14 19.24 8.45 16.56
CA TRP B 14 18.39 7.96 15.49
C TRP B 14 18.78 6.52 15.19
N SER B 15 17.83 5.61 15.20
CA SER B 15 18.18 4.23 14.86
C SER B 15 17.50 3.71 13.59
N ALA B 16 18.31 3.28 12.64
CA ALA B 16 17.83 2.79 11.36
C ALA B 16 17.03 1.52 11.54
N VAL B 17 15.85 1.47 10.93
CA VAL B 17 14.93 0.34 11.04
C VAL B 17 15.19 -0.70 9.96
N ASP B 18 15.32 -1.96 10.37
CA ASP B 18 15.49 -3.06 9.41
C ASP B 18 14.34 -3.06 8.39
N ARG B 19 14.69 -3.16 7.11
CA ARG B 19 13.74 -3.03 6.02
C ARG B 19 13.40 -4.39 5.41
N SER B 20 14.08 -5.44 5.86
CA SER B 20 14.01 -6.73 5.16
C SER B 20 12.61 -7.35 5.12
N ALA B 21 11.71 -6.91 5.99
CA ALA B 21 10.37 -7.48 5.99
C ALA B 21 9.32 -6.44 5.66
N TRP B 22 9.79 -5.29 5.17
CA TRP B 22 8.90 -4.23 4.67
C TRP B 22 8.08 -4.69 3.45
N SER B 23 6.91 -4.12 3.30
CA SER B 23 6.09 -4.39 2.14
C SER B 23 5.85 -3.07 1.43
N VAL B 24 6.54 -2.87 0.32
CA VAL B 24 6.58 -1.56 -0.31
C VAL B 24 5.80 -1.48 -1.61
N SER B 25 5.41 -0.27 -1.96
CA SER B 25 4.62 -0.04 -3.16
C SER B 25 4.85 1.38 -3.61
N CYS B 26 4.32 1.74 -4.76
CA CYS B 26 4.51 3.09 -5.31
C CYS B 26 3.40 3.50 -6.27
N SER B 27 3.36 4.79 -6.59
CA SER B 27 2.32 5.31 -7.46
C SER B 27 2.47 4.74 -8.87
N ASN B 28 3.69 4.75 -9.38
CA ASN B 28 4.01 4.25 -10.71
C ASN B 28 5.49 3.92 -10.76
N VAL B 29 5.85 3.00 -11.66
CA VAL B 29 7.25 2.66 -11.86
C VAL B 29 7.65 3.13 -13.23
N TYR B 30 8.68 3.95 -13.31
CA TYR B 30 9.10 4.51 -14.58
C TYR B 30 9.22 3.40 -15.63
N ALA B 31 8.79 3.71 -16.86
CA ALA B 31 8.83 2.75 -17.97
C ALA B 31 8.13 1.42 -17.64
N ASP B 32 7.30 1.42 -16.60
CA ASP B 32 6.65 0.20 -16.10
C ASP B 32 7.63 -0.96 -16.01
N ASP B 33 8.86 -0.66 -15.62
CA ASP B 33 9.91 -1.66 -15.54
C ASP B 33 10.20 -2.01 -14.08
N ASP B 34 9.30 -2.77 -13.49
CA ASP B 34 9.34 -3.12 -12.08
C ASP B 34 10.73 -3.56 -11.69
N ALA B 35 11.36 -4.35 -12.57
CA ALA B 35 12.64 -4.96 -12.24
C ALA B 35 13.80 -4.00 -12.30
N LYS B 36 13.62 -2.90 -13.03
CA LYS B 36 14.68 -1.92 -13.21
C LYS B 36 14.48 -0.66 -12.35
N TYR B 37 13.23 -0.28 -12.13
CA TYR B 37 12.92 0.96 -11.41
C TYR B 37 11.87 0.75 -10.30
N GLY B 38 11.64 -0.50 -9.92
CA GLY B 38 10.59 -0.83 -8.96
C GLY B 38 10.77 -0.27 -7.57
N ALA B 39 9.66 -0.17 -6.84
CA ALA B 39 9.66 0.40 -5.49
C ALA B 39 10.62 -0.34 -4.57
N HIS B 40 10.69 -1.66 -4.74
CA HIS B 40 11.50 -2.50 -3.89
C HIS B 40 12.99 -2.17 -4.02
N LEU B 41 13.35 -1.55 -5.14
CA LEU B 41 14.75 -1.23 -5.40
C LEU B 41 15.27 -0.12 -4.51
N ALA B 42 14.39 0.53 -3.75
CA ALA B 42 14.79 1.61 -2.86
C ALA B 42 15.25 1.12 -1.48
N ILE B 43 15.08 -0.16 -1.21
CA ILE B 43 15.48 -0.71 0.08
C ILE B 43 16.35 -1.96 -0.09
N ASP B 44 17.16 -1.99 -1.13
CA ASP B 44 17.99 -3.17 -1.34
C ASP B 44 19.45 -2.94 -0.94
N GLY B 45 19.70 -1.79 -0.30
CA GLY B 45 21.04 -1.43 0.14
C GLY B 45 21.98 -1.00 -0.97
N GLU B 46 21.52 -1.09 -2.22
CA GLU B 46 22.38 -0.85 -3.38
C GLU B 46 22.17 0.51 -4.03
N ILE B 47 23.10 1.44 -3.86
CA ILE B 47 22.98 2.78 -4.45
C ILE B 47 22.73 2.79 -5.96
N ASN B 48 23.24 1.80 -6.66
CA ASN B 48 23.15 1.77 -8.12
C ASN B 48 21.81 1.29 -8.68
N THR B 49 20.91 0.90 -7.79
CA THR B 49 19.54 0.59 -8.17
C THR B 49 18.66 1.67 -7.57
N THR B 50 17.51 1.91 -8.17
CA THR B 50 16.68 3.01 -7.68
C THR B 50 15.22 2.80 -8.03
N TRP B 51 14.36 3.29 -7.15
CA TRP B 51 12.99 3.55 -7.55
C TRP B 51 13.05 4.81 -8.39
N PHE B 52 12.36 4.80 -9.53
CA PHE B 52 12.31 5.99 -10.39
C PHE B 52 10.94 6.05 -11.01
N THR B 53 10.38 7.24 -11.09
CA THR B 53 9.01 7.38 -11.54
C THR B 53 8.71 8.70 -12.24
N TRP B 54 7.49 8.84 -12.73
CA TRP B 54 6.99 10.09 -13.26
C TRP B 54 6.59 10.96 -12.08
N GLY B 55 6.88 12.25 -12.16
CA GLY B 55 6.49 13.17 -11.11
C GLY B 55 5.03 13.56 -11.21
N VAL B 56 4.58 14.36 -10.24
CA VAL B 56 3.18 14.77 -10.15
C VAL B 56 2.66 15.50 -11.39
N ALA B 57 3.47 16.35 -12.00
CA ALA B 57 2.99 17.06 -13.18
C ALA B 57 2.76 16.08 -14.33
N ASN B 58 3.50 14.97 -14.32
CA ASN B 58 3.37 13.98 -15.38
C ASN B 58 2.33 12.88 -15.13
N ALA B 59 2.18 12.44 -13.89
CA ALA B 59 1.27 11.32 -13.63
C ALA B 59 0.18 11.63 -12.61
N GLY B 60 0.08 12.88 -12.19
CA GLY B 60 -0.99 13.29 -11.29
C GLY B 60 -0.71 12.96 -9.84
N GLU B 61 0.13 11.94 -9.62
CA GLU B 61 0.55 11.56 -8.28
C GLU B 61 1.94 10.90 -8.32
N CYS B 62 2.66 10.97 -7.21
CA CYS B 62 4.05 10.52 -7.15
C CYS B 62 4.37 10.20 -5.70
N TRP B 63 4.49 8.92 -5.38
CA TRP B 63 4.67 8.53 -3.99
C TRP B 63 5.28 7.14 -3.85
N TRP B 64 5.89 6.91 -2.70
CA TRP B 64 6.52 5.65 -2.35
C TRP B 64 6.00 5.34 -0.96
N ASN B 65 5.64 4.08 -0.73
CA ASN B 65 4.93 3.68 0.48
C ASN B 65 5.53 2.40 1.08
N THR B 66 5.59 2.31 2.41
CA THR B 66 5.95 1.07 3.06
C THR B 66 5.06 0.75 4.26
N VAL B 67 4.62 -0.50 4.34
CA VAL B 67 4.00 -1.06 5.52
C VAL B 67 5.13 -1.70 6.30
N LEU B 68 5.40 -1.20 7.50
CA LEU B 68 6.46 -1.74 8.33
C LEU B 68 5.98 -3.02 9.00
N ASP B 69 6.88 -3.96 9.27
CA ASP B 69 6.52 -5.18 9.98
C ASP B 69 6.40 -4.98 11.50
N ARG B 70 6.87 -3.85 11.99
CA ARG B 70 6.60 -3.47 13.38
C ARG B 70 6.36 -1.96 13.41
N PRO B 71 5.47 -1.50 14.31
CA PRO B 71 5.23 -0.06 14.46
C PRO B 71 6.44 0.59 15.11
N VAL B 72 6.79 1.80 14.70
CA VAL B 72 7.94 2.46 15.29
C VAL B 72 7.59 3.86 15.72
N THR B 73 8.35 4.37 16.67
CA THR B 73 8.31 5.79 17.01
C THR B 73 9.18 6.50 15.97
N LEU B 74 8.53 7.05 14.96
CA LEU B 74 9.23 7.59 13.80
C LEU B 74 9.85 8.94 14.12
N THR B 75 11.17 9.00 14.08
CA THR B 75 11.90 10.24 14.38
C THR B 75 12.45 10.92 13.12
N GLY B 76 12.59 10.16 12.05
CA GLY B 76 13.09 10.70 10.80
C GLY B 76 13.21 9.65 9.72
N PHE B 77 13.53 10.11 8.51
CA PHE B 77 13.79 9.21 7.40
C PHE B 77 14.92 9.82 6.59
N SER B 78 15.46 9.07 5.65
CA SER B 78 16.54 9.57 4.84
C SER B 78 16.45 9.02 3.43
N VAL B 79 16.88 9.82 2.45
CA VAL B 79 16.86 9.38 1.07
C VAL B 79 18.19 9.72 0.43
N THR B 80 18.53 9.00 -0.64
CA THR B 80 19.72 9.33 -1.39
C THR B 80 19.33 9.91 -2.73
N LYS B 81 20.34 10.24 -3.52
CA LYS B 81 20.11 10.65 -4.88
C LYS B 81 19.44 9.48 -5.57
N GLN B 82 18.84 9.76 -6.72
CA GLN B 82 18.26 8.75 -7.57
C GLN B 82 19.36 8.34 -8.56
N SER B 83 19.31 7.12 -9.09
CA SER B 83 20.44 6.63 -9.90
C SER B 83 20.14 6.25 -11.34
N ALA B 84 18.96 6.63 -11.84
CA ALA B 84 18.58 6.32 -13.21
C ALA B 84 19.14 7.36 -14.20
N TYR B 85 19.00 8.64 -13.87
CA TYR B 85 19.35 9.72 -14.80
C TYR B 85 20.02 10.85 -14.04
N GLY B 86 20.17 12.01 -14.68
CA GLY B 86 20.89 13.13 -14.08
C GLY B 86 20.36 13.64 -12.75
N SER B 87 21.21 14.39 -12.05
CA SER B 87 20.91 14.92 -10.73
C SER B 87 19.70 15.85 -10.68
N GLY B 88 19.29 16.33 -11.84
CA GLY B 88 18.13 17.19 -11.92
C GLY B 88 16.87 16.46 -11.49
N TYR B 89 16.93 15.14 -11.46
CA TYR B 89 15.76 14.35 -11.08
C TYR B 89 15.82 13.88 -9.62
N ASN B 90 16.85 14.29 -8.90
CA ASN B 90 16.92 14.00 -7.47
C ASN B 90 15.78 14.69 -6.74
N LEU B 91 15.23 14.02 -5.74
CA LEU B 91 14.14 14.55 -4.93
C LEU B 91 14.51 15.93 -4.41
N ARG B 92 13.56 16.86 -4.47
CA ARG B 92 13.77 18.21 -3.96
C ARG B 92 12.79 18.58 -2.83
N SER B 93 11.54 18.16 -2.94
CA SER B 93 10.62 18.37 -1.83
C SER B 93 9.54 17.28 -1.79
N ALA B 94 8.98 17.07 -0.61
CA ALA B 94 8.05 15.97 -0.41
C ALA B 94 7.20 16.22 0.83
N GLU B 95 6.02 15.62 0.84
CA GLU B 95 5.21 15.61 2.03
C GLU B 95 5.09 14.17 2.54
N ILE B 96 4.90 14.03 3.84
CA ILE B 96 4.88 12.73 4.50
C ILE B 96 3.53 12.48 5.13
N LYS B 97 2.98 11.31 4.88
CA LYS B 97 1.75 10.85 5.54
C LYS B 97 2.10 9.55 6.24
N VAL B 98 1.63 9.40 7.47
CA VAL B 98 1.79 8.14 8.19
C VAL B 98 0.45 7.62 8.70
N ARG B 99 0.41 6.33 9.01
CA ARG B 99 -0.77 5.71 9.58
C ARG B 99 -0.31 4.94 10.81
N LYS B 100 -0.95 5.23 11.93
CA LYS B 100 -0.64 4.56 13.18
C LYS B 100 -1.32 3.20 13.26
N GLU B 101 -0.65 2.27 13.93
CA GLU B 101 -1.22 0.94 14.11
C GLU B 101 -2.60 1.02 14.75
N GLY B 102 -3.54 0.23 14.23
CA GLY B 102 -4.88 0.19 14.80
C GLY B 102 -5.80 1.26 14.25
N GLU B 103 -5.24 2.19 13.48
CA GLU B 103 -6.01 3.29 12.94
C GLU B 103 -6.22 3.10 11.44
N THR B 104 -7.40 3.51 10.97
CA THR B 104 -7.73 3.45 9.55
C THR B 104 -7.58 4.81 8.87
N GLU B 105 -7.36 5.86 9.64
CA GLU B 105 -7.10 7.21 9.10
C GLU B 105 -5.61 7.58 9.14
N TRP B 106 -5.16 8.32 8.13
CA TRP B 106 -3.77 8.76 8.01
C TRP B 106 -3.57 10.12 8.64
N VAL B 107 -2.38 10.37 9.18
CA VAL B 107 -2.03 11.70 9.67
C VAL B 107 -1.00 12.32 8.75
N THR B 108 -1.16 13.59 8.45
CA THR B 108 -0.22 14.28 7.57
C THR B 108 0.80 15.07 8.39
N TYR B 109 2.08 14.86 8.11
CA TYR B 109 3.11 15.60 8.80
C TYR B 109 3.10 17.05 8.29
N PRO B 110 2.95 18.03 9.21
CA PRO B 110 2.61 19.42 8.89
C PRO B 110 3.70 20.23 8.17
N ARG B 111 4.91 19.71 8.09
CA ARG B 111 5.98 20.44 7.43
C ARG B 111 6.41 19.76 6.12
N VAL B 112 6.44 20.52 5.04
CA VAL B 112 7.03 20.02 3.80
C VAL B 112 8.51 19.84 4.06
N LEU B 113 9.06 18.72 3.58
CA LEU B 113 10.47 18.44 3.75
C LEU B 113 11.19 18.85 2.47
N THR B 114 12.36 19.46 2.61
CA THR B 114 13.11 19.94 1.46
C THR B 114 14.50 19.34 1.46
N PHE B 115 15.03 19.09 0.28
CA PHE B 115 16.34 18.50 0.17
C PHE B 115 17.27 19.35 -0.68
N ARG B 116 18.50 19.52 -0.22
CA ARG B 116 19.51 20.21 -0.99
C ARG B 116 20.18 19.15 -1.87
N ASN B 117 21.11 19.58 -2.69
CA ASN B 117 21.81 18.67 -3.59
C ASN B 117 22.45 17.48 -2.88
N PHE B 118 22.45 16.33 -3.55
CA PHE B 118 22.95 15.08 -3.00
C PHE B 118 24.42 14.81 -3.31
N LYS B 119 25.23 14.73 -2.26
CA LYS B 119 26.65 14.47 -2.45
C LYS B 119 26.90 12.99 -2.65
N GLY B 120 27.34 12.64 -3.85
CA GLY B 120 27.63 11.25 -4.18
C GLY B 120 26.49 10.34 -3.74
N ALA B 121 26.84 9.26 -3.04
CA ALA B 121 25.84 8.31 -2.58
C ALA B 121 25.36 8.68 -1.19
N ASP B 122 25.76 9.85 -0.71
CA ASP B 122 25.39 10.29 0.62
C ASP B 122 23.89 10.48 0.76
N PRO B 123 23.30 9.89 1.81
CA PRO B 123 21.88 10.12 2.12
C PRO B 123 21.71 11.45 2.85
N GLN B 124 20.52 12.03 2.77
CA GLN B 124 20.19 13.19 3.57
C GLN B 124 19.12 12.82 4.58
N TYR B 125 19.16 13.50 5.73
CA TYR B 125 18.28 13.15 6.83
C TYR B 125 17.22 14.22 7.04
N ALA B 126 15.96 13.80 7.07
CA ALA B 126 14.86 14.72 7.33
C ALA B 126 14.16 14.27 8.60
N ALA B 127 13.95 15.23 9.50
CA ALA B 127 13.44 14.97 10.84
C ALA B 127 11.93 15.00 10.93
N ILE B 128 11.38 14.14 11.78
CA ILE B 128 9.97 14.21 12.10
C ILE B 128 9.86 14.71 13.54
N GLU B 129 9.42 15.94 13.70
CA GLU B 129 9.42 16.60 15.02
C GLU B 129 8.08 17.23 15.37
N PRO B 130 7.53 16.85 16.54
CA PRO B 130 8.13 15.79 17.36
C PRO B 130 7.93 14.44 16.68
N PRO B 131 8.70 13.42 17.09
CA PRO B 131 8.55 12.09 16.48
C PRO B 131 7.12 11.57 16.60
N ILE B 132 6.77 10.61 15.76
CA ILE B 132 5.43 10.04 15.73
C ILE B 132 5.49 8.59 16.14
N PRO B 133 4.81 8.23 17.24
CA PRO B 133 4.79 6.87 17.79
C PRO B 133 3.80 5.97 17.05
N ASN B 134 4.02 4.66 17.13
CA ASN B 134 3.07 3.69 16.59
C ASN B 134 2.88 3.81 15.08
N VAL B 135 3.89 4.33 14.39
CA VAL B 135 3.81 4.40 12.94
C VAL B 135 3.96 3.01 12.33
N LYS B 136 2.92 2.57 11.62
CA LYS B 136 2.89 1.24 11.02
C LYS B 136 3.02 1.29 9.49
N GLU B 137 2.61 2.41 8.91
CA GLU B 137 2.67 2.60 7.46
C GLU B 137 3.11 4.02 7.15
N PHE B 138 3.96 4.16 6.13
CA PHE B 138 4.65 5.41 5.83
C PHE B 138 4.62 5.70 4.34
N ARG B 139 4.19 6.91 3.98
CA ARG B 139 4.14 7.30 2.56
C ARG B 139 4.82 8.65 2.33
N ILE B 140 5.69 8.70 1.32
CA ILE B 140 6.31 9.94 0.91
C ILE B 140 5.76 10.42 -0.44
N ASN B 141 5.00 11.51 -0.38
CA ASN B 141 4.41 12.14 -1.56
C ASN B 141 5.40 13.15 -2.10
N CYS B 142 6.04 12.84 -3.23
CA CYS B 142 7.08 13.69 -3.77
C CYS B 142 6.51 14.86 -4.58
N LEU B 143 6.82 16.09 -4.16
CA LEU B 143 6.31 17.31 -4.78
C LEU B 143 7.18 17.85 -5.93
N THR B 144 8.49 17.89 -5.70
CA THR B 144 9.42 18.33 -6.75
C THR B 144 10.70 17.51 -6.73
N PRO B 145 11.35 17.35 -7.90
CA PRO B 145 10.87 17.90 -9.17
C PRO B 145 9.54 17.25 -9.55
N ASP B 146 8.77 17.88 -10.43
CA ASP B 146 7.44 17.37 -10.74
C ASP B 146 7.36 16.68 -12.08
N ASN B 147 8.51 16.50 -12.72
CA ASN B 147 8.55 15.78 -14.00
C ASN B 147 8.98 14.31 -13.87
N TYR B 148 10.16 14.07 -13.30
CA TYR B 148 10.60 12.73 -12.97
C TYR B 148 11.37 12.78 -11.67
N THR B 149 11.22 11.73 -10.86
CA THR B 149 12.05 11.62 -9.67
C THR B 149 12.03 10.21 -9.10
N GLY B 150 12.74 10.03 -7.99
CA GLY B 150 12.87 8.77 -7.33
C GLY B 150 14.01 8.81 -6.33
N PHE B 151 14.43 7.65 -5.84
CA PHE B 151 15.59 7.59 -4.96
C PHE B 151 16.18 6.19 -4.88
N ALA B 152 17.49 6.14 -4.76
CA ALA B 152 18.21 4.88 -4.73
C ALA B 152 18.00 4.16 -3.39
N GLU B 153 18.06 4.90 -2.29
CA GLU B 153 17.91 4.32 -0.97
C GLU B 153 17.03 5.16 -0.08
N ILE B 154 16.11 4.52 0.64
CA ILE B 154 15.37 5.21 1.69
C ILE B 154 15.43 4.42 2.99
N ASN B 155 15.65 5.12 4.10
CA ASN B 155 15.59 4.49 5.43
C ASN B 155 14.69 5.29 6.34
N LEU B 156 14.07 4.58 7.28
CA LEU B 156 13.31 5.21 8.35
C LEU B 156 14.09 5.08 9.66
N TYR B 157 13.87 6.00 10.60
CA TYR B 157 14.60 5.99 11.86
C TYR B 157 13.68 6.12 13.07
N GLU B 158 13.87 5.23 14.03
CA GLU B 158 13.10 5.27 15.28
C GLU B 158 13.91 5.94 16.38
N LYS B 159 13.20 6.54 17.32
CA LYS B 159 13.83 7.26 18.41
C LYS B 159 14.59 6.32 19.33
N GLN B 160 15.70 6.81 19.87
CA GLN B 160 16.47 6.03 20.83
C GLN B 160 16.33 6.59 22.23
N LEU B 161 15.70 5.80 23.10
CA LEU B 161 15.66 6.10 24.51
C LEU B 161 16.96 5.61 25.13
#